data_6AKP
#
_entry.id   6AKP
#
_cell.length_a   41.837
_cell.length_b   80.214
_cell.length_c   101.154
_cell.angle_alpha   90.00
_cell.angle_beta   90.00
_cell.angle_gamma   90.00
#
_symmetry.space_group_name_H-M   'P 21 21 21'
#
loop_
_entity.id
_entity.type
_entity.pdbx_description
1 polymer "DNA (5'-D(AP*CP*AP*CP*AP*AP*AP*TP*AP*TP*TP*TP*GP*TP*GP*T)-3')"
2 polymer 'Forkhead box protein C2'
3 non-polymer 'MAGNESIUM ION'
4 water water
#
loop_
_entity_poly.entity_id
_entity_poly.type
_entity_poly.pdbx_seq_one_letter_code
_entity_poly.pdbx_strand_id
1 'polydeoxyribonucleotide' (DA)(DC)(DA)(DC)(DA)(DA)(DA)(DT)(DA)(DT)(DT)(DT)(DG)(DT)(DG)(DT) A,B
2 'polypeptide(L)'
;GPKPPYSYIALITMAIQNAPEKKITLNGIYQFIMDRFPFYRENKQGWQNSIRHNLSLNECFVKVPRDDKKPGKGSYWTLD
PDSYNMFENGSFLRRRRRFKKKD
;
C
#
# COMPACT_ATOMS: atom_id res chain seq x y z
N GLY C 1 -12.59 7.81 13.78
CA GLY C 1 -12.27 9.20 14.08
C GLY C 1 -11.64 9.92 12.92
N PRO C 2 -10.56 10.67 13.19
CA PRO C 2 -9.87 11.37 12.11
C PRO C 2 -9.08 10.41 11.25
N LYS C 3 -8.95 10.77 9.97
CA LYS C 3 -8.16 9.97 9.05
C LYS C 3 -6.68 10.06 9.42
N PRO C 4 -5.94 8.95 9.36
CA PRO C 4 -4.50 8.99 9.63
C PRO C 4 -3.78 9.85 8.61
N PRO C 5 -2.60 10.37 8.93
CA PRO C 5 -1.91 11.31 8.04
C PRO C 5 -1.21 10.68 6.85
N TYR C 6 -1.39 9.39 6.60
CA TYR C 6 -0.63 8.70 5.58
C TYR C 6 -1.38 8.68 4.26
N SER C 7 -0.64 8.84 3.16
CA SER C 7 -1.22 8.76 1.84
C SER C 7 -1.54 7.31 1.48
N TYR C 8 -2.36 7.13 0.44
CA TYR C 8 -2.65 5.79 -0.05
C TYR C 8 -1.39 5.09 -0.53
N ILE C 9 -0.43 5.85 -1.06
CA ILE C 9 0.84 5.26 -1.49
C ILE C 9 1.63 4.78 -0.29
N ALA C 10 1.61 5.54 0.80
CA ALA C 10 2.29 5.12 2.03
C ALA C 10 1.60 3.90 2.63
N LEU C 11 0.26 3.87 2.62
CA LEU C 11 -0.46 2.73 3.17
C LEU C 11 -0.10 1.44 2.44
N ILE C 12 -0.16 1.47 1.10
CA ILE C 12 0.22 0.30 0.32
C ILE C 12 1.66 -0.11 0.60
N THR C 13 2.57 0.88 0.69
CA THR C 13 3.97 0.56 0.94
C THR C 13 4.16 -0.06 2.32
N MET C 14 3.43 0.41 3.33
CA MET C 14 3.45 -0.23 4.63
C MET C 14 3.04 -1.70 4.54
N ALA C 15 1.93 -1.96 3.84
CA ALA C 15 1.41 -3.32 3.77
C ALA C 15 2.39 -4.26 3.08
N ILE C 16 2.99 -3.81 1.97
CA ILE C 16 3.93 -4.65 1.23
C ILE C 16 5.16 -4.96 2.09
N GLN C 17 5.72 -3.91 2.72
CA GLN C 17 6.89 -4.10 3.58
C GLN C 17 6.56 -4.98 4.78
N ASN C 18 5.32 -4.93 5.26
CA ASN C 18 4.94 -5.71 6.44
C ASN C 18 4.81 -7.20 6.12
N ALA C 19 4.42 -7.54 4.89
CA ALA C 19 4.32 -8.94 4.51
C ALA C 19 5.68 -9.63 4.65
N PRO C 20 5.71 -10.87 5.12
CA PRO C 20 7.02 -11.53 5.33
C PRO C 20 7.78 -11.75 4.05
N GLU C 21 7.10 -12.07 2.95
CA GLU C 21 7.75 -12.29 1.66
C GLU C 21 7.80 -11.03 0.82
N LYS C 22 7.46 -9.87 1.39
CA LYS C 22 7.47 -8.59 0.68
C LYS C 22 6.58 -8.62 -0.56
N LYS C 23 5.57 -9.48 -0.54
CA LYS C 23 4.56 -9.56 -1.58
C LYS C 23 3.22 -9.84 -0.91
N ILE C 24 2.16 -9.25 -1.45
CA ILE C 24 0.86 -9.25 -0.78
C ILE C 24 -0.24 -9.09 -1.82
N THR C 25 -1.37 -9.74 -1.58
CA THR C 25 -2.53 -9.62 -2.43
C THR C 25 -3.30 -8.33 -2.12
N LEU C 26 -4.26 -8.01 -2.98
CA LEU C 26 -5.03 -6.79 -2.79
C LEU C 26 -5.86 -6.85 -1.52
N ASN C 27 -6.51 -7.99 -1.25
CA ASN C 27 -7.27 -8.11 -0.01
C ASN C 27 -6.36 -8.02 1.20
N GLY C 28 -5.16 -8.60 1.11
CA GLY C 28 -4.19 -8.43 2.18
C GLY C 28 -3.87 -6.98 2.46
N ILE C 29 -3.89 -6.13 1.44
CA ILE C 29 -3.68 -4.70 1.65
C ILE C 29 -4.88 -4.09 2.38
N TYR C 30 -6.09 -4.49 1.99
CA TYR C 30 -7.29 -4.04 2.71
C TYR C 30 -7.20 -4.41 4.18
N GLN C 31 -6.90 -5.67 4.47
CA GLN C 31 -6.88 -6.15 5.85
C GLN C 31 -5.81 -5.43 6.68
N PHE C 32 -4.63 -5.23 6.09
CA PHE C 32 -3.57 -4.51 6.80
C PHE C 32 -4.06 -3.13 7.23
N ILE C 33 -4.68 -2.40 6.30
CA ILE C 33 -5.10 -1.03 6.59
C ILE C 33 -6.20 -1.01 7.65
N MET C 34 -7.17 -1.90 7.53
CA MET C 34 -8.29 -1.90 8.46
C MET C 34 -7.88 -2.37 9.85
N ASP C 35 -6.91 -3.27 9.95
CA ASP C 35 -6.47 -3.74 11.26
C ASP C 35 -5.79 -2.63 12.07
N ARG C 36 -5.03 -1.76 11.41
CA ARG C 36 -4.25 -0.75 12.12
C ARG C 36 -4.87 0.64 12.11
N PHE C 37 -5.82 0.91 11.21
CA PHE C 37 -6.39 2.24 11.07
C PHE C 37 -7.92 2.16 11.11
N PRO C 38 -8.53 2.43 12.26
CA PRO C 38 -9.99 2.25 12.39
C PRO C 38 -10.80 3.15 11.48
N PHE C 39 -10.25 4.28 11.02
CA PHE C 39 -10.99 5.16 10.14
C PHE C 39 -11.41 4.46 8.85
N TYR C 40 -10.63 3.49 8.39
CA TYR C 40 -10.90 2.81 7.14
C TYR C 40 -11.82 1.59 7.29
N ARG C 41 -12.38 1.38 8.48
CA ARG C 41 -13.39 0.34 8.65
C ARG C 41 -14.76 0.78 8.17
N GLU C 42 -14.92 2.05 7.78
CA GLU C 42 -16.17 2.57 7.27
C GLU C 42 -15.98 3.05 5.83
N ASN C 43 -17.09 3.07 5.09
CA ASN C 43 -17.12 3.49 3.69
C ASN C 43 -15.98 2.85 2.90
N LYS C 44 -15.95 1.51 2.94
CA LYS C 44 -14.89 0.79 2.24
C LYS C 44 -14.96 1.01 0.74
N GLN C 45 -16.10 1.24 0.19
CA GLN C 45 -16.17 1.38 -1.23
C GLN C 45 -15.19 2.39 -1.72
N GLY C 46 -15.28 3.59 -1.19
CA GLY C 46 -14.46 4.70 -1.60
C GLY C 46 -12.96 4.57 -1.55
N TRP C 47 -12.42 4.30 -0.38
CA TRP C 47 -10.96 4.25 -0.30
C TRP C 47 -10.38 2.98 -0.90
N GLN C 48 -11.12 1.86 -0.91
CA GLN C 48 -10.59 0.67 -1.54
C GLN C 48 -10.50 0.82 -3.05
N ASN C 49 -11.29 1.71 -3.60
CA ASN C 49 -11.22 2.00 -5.01
C ASN C 49 -9.98 2.81 -5.22
N SER C 50 -9.71 3.71 -4.31
CA SER C 50 -8.50 4.53 -4.42
C SER C 50 -7.24 3.70 -4.22
N ILE C 51 -7.33 2.61 -3.47
CA ILE C 51 -6.19 1.71 -3.33
C ILE C 51 -5.90 1.02 -4.65
N ARG C 52 -6.94 0.48 -5.29
CA ARG C 52 -6.76 -0.18 -6.58
C ARG C 52 -6.25 0.79 -7.63
N HIS C 53 -6.77 2.02 -7.60
CA HIS C 53 -6.32 3.03 -8.56
C HIS C 53 -4.85 3.37 -8.36
N ASN C 54 -4.41 3.47 -7.10
CA ASN C 54 -3.01 3.78 -6.82
C ASN C 54 -2.10 2.62 -7.21
N LEU C 55 -2.59 1.38 -7.13
CA LEU C 55 -1.76 0.24 -7.51
C LEU C 55 -1.49 0.23 -9.00
N SER C 56 -2.47 0.60 -9.82
CA SER C 56 -2.30 0.57 -11.27
C SER C 56 -1.57 1.80 -11.78
N LEU C 57 -1.85 2.97 -11.22
CA LEU C 57 -1.25 4.21 -11.71
C LEU C 57 0.25 4.22 -11.49
N ASN C 58 0.68 4.16 -10.24
CA ASN C 58 2.08 4.32 -9.89
C ASN C 58 2.92 3.12 -10.36
N GLU C 59 4.02 3.42 -11.05
CA GLU C 59 4.97 2.38 -11.43
C GLU C 59 5.50 1.65 -10.22
N CYS C 60 5.62 2.34 -9.08
CA CYS C 60 6.31 1.80 -7.92
C CYS C 60 5.68 0.53 -7.39
N PHE C 61 4.46 0.20 -7.80
CA PHE C 61 3.78 -1.04 -7.42
C PHE C 61 3.61 -1.90 -8.65
N VAL C 62 4.28 -3.05 -8.69
CA VAL C 62 4.27 -3.94 -9.83
C VAL C 62 3.55 -5.24 -9.47
N LYS C 63 2.69 -5.69 -10.34
CA LYS C 63 1.93 -6.90 -10.14
C LYS C 63 2.72 -8.12 -10.56
N VAL C 64 2.61 -9.17 -9.79
CA VAL C 64 3.40 -10.37 -10.00
C VAL C 64 2.47 -11.58 -9.86
N PRO C 65 2.57 -12.58 -10.75
CA PRO C 65 1.70 -13.75 -10.62
C PRO C 65 2.06 -14.58 -9.40
N ARG C 66 1.14 -15.46 -9.03
CA ARG C 66 1.32 -16.32 -7.86
C ARG C 66 1.94 -17.65 -8.26
N ASP C 67 2.07 -18.54 -7.30
CA ASP C 67 2.68 -19.85 -7.52
C ASP C 67 1.62 -20.94 -7.70
N LYS C 73 -5.27 -15.58 -3.97
CA LYS C 73 -6.33 -15.49 -4.97
C LYS C 73 -5.83 -14.91 -6.29
N GLY C 74 -5.95 -13.59 -6.43
CA GLY C 74 -5.62 -12.92 -7.67
C GLY C 74 -4.22 -12.71 -8.18
N SER C 75 -3.40 -11.99 -7.44
CA SER C 75 -2.03 -11.67 -7.81
C SER C 75 -1.36 -10.99 -6.66
N TYR C 76 -0.05 -11.05 -6.66
CA TYR C 76 0.77 -10.45 -5.62
C TYR C 76 1.21 -9.05 -6.06
N TRP C 77 1.11 -8.09 -5.14
CA TRP C 77 1.59 -6.74 -5.38
C TRP C 77 2.90 -6.55 -4.64
N THR C 78 3.91 -6.04 -5.34
CA THR C 78 5.24 -5.84 -4.79
C THR C 78 5.70 -4.41 -5.09
N LEU C 79 6.78 -4.02 -4.41
CA LEU C 79 7.39 -2.72 -4.64
C LEU C 79 8.51 -2.86 -5.66
N ASP C 80 8.53 -1.97 -6.64
CA ASP C 80 9.73 -1.81 -7.45
C ASP C 80 10.91 -1.56 -6.54
N PRO C 81 12.02 -2.28 -6.68
CA PRO C 81 13.18 -2.03 -5.81
C PRO C 81 13.66 -0.59 -5.81
N ASP C 82 13.57 0.10 -6.95
CA ASP C 82 13.98 1.51 -7.00
C ASP C 82 13.14 2.38 -6.09
N SER C 83 11.95 1.93 -5.68
CA SER C 83 11.06 2.71 -4.85
C SER C 83 10.80 2.06 -3.49
N TYR C 84 11.59 1.04 -3.11
CA TYR C 84 11.30 0.31 -1.88
C TYR C 84 11.40 1.22 -0.66
N ASN C 85 12.32 2.18 -0.68
CA ASN C 85 12.53 3.12 0.41
C ASN C 85 12.17 4.54 0.01
N MET C 86 11.08 4.68 -0.77
CA MET C 86 10.46 5.97 -1.07
C MET C 86 10.36 6.84 0.18
N PHE C 87 9.98 6.22 1.30
CA PHE C 87 9.86 6.91 2.59
C PHE C 87 11.12 6.59 3.37
N GLU C 88 12.11 7.48 3.25
CA GLU C 88 13.47 7.15 3.68
C GLU C 88 13.60 7.08 5.19
N ASN C 89 12.92 7.95 5.93
CA ASN C 89 13.11 7.99 7.38
C ASN C 89 12.25 6.98 8.13
N GLY C 90 11.39 6.24 7.43
CA GLY C 90 10.57 5.23 8.07
C GLY C 90 9.33 5.74 8.77
N SER C 91 9.07 7.05 8.72
CA SER C 91 7.86 7.59 9.32
C SER C 91 6.66 7.56 8.37
N PHE C 92 6.90 7.37 7.08
CA PHE C 92 5.87 7.34 6.04
C PHE C 92 5.07 8.63 5.97
N LEU C 93 5.65 9.72 6.43
CA LEU C 93 5.05 11.04 6.31
C LEU C 93 5.55 11.81 5.10
N ARG C 94 6.76 11.52 4.64
CA ARG C 94 7.37 12.23 3.51
C ARG C 94 7.90 11.22 2.51
N ARG C 95 7.58 11.43 1.25
CA ARG C 95 7.95 10.52 0.17
C ARG C 95 9.01 11.16 -0.71
N ARG C 96 10.13 10.48 -0.89
CA ARG C 96 11.16 10.88 -1.84
C ARG C 96 10.59 10.92 -3.27
N ARG C 97 11.11 11.83 -4.08
CA ARG C 97 10.64 12.00 -5.46
C ARG C 97 11.53 11.20 -6.42
N ARG C 98 11.15 11.20 -7.69
CA ARG C 98 11.74 10.24 -8.60
C ARG C 98 13.11 10.70 -9.07
N PHE C 99 14.01 9.72 -9.22
CA PHE C 99 15.32 9.96 -9.82
C PHE C 99 15.13 10.42 -11.26
#